data_5SAU
#
_entry.id   5SAU
#
_cell.length_a   62.514
_cell.length_b   74.156
_cell.length_c   75.105
_cell.angle_alpha   90.000
_cell.angle_beta   90.000
_cell.angle_gamma   90.000
#
_symmetry.space_group_name_H-M   'P 21 21 21'
#
loop_
_entity.id
_entity.type
_entity.pdbx_description
1 polymer 'Epithelial discoidin domain-containing receptor 1'
2 non-polymer 3-[(6-aminopyridin-3-yl)ethynyl]-N-[3-(trifluoromethyl)phenyl]benzamide
3 non-polymer 'MALONATE ION'
4 water water
#
_entity_poly.entity_id   1
_entity_poly.type   'polypeptide(L)'
_entity_poly.pdbx_seq_one_letter_code
;PGAVGDGPPRVDFPRSRLRFKEKLGEGQFGEVHLCEVDSPQDLVSLDFPLNVRKGHPLLVAVKILRPDATKNARNDFLKE
VKIMSRLKDPNIIRLLGVCVQDDPLCMITDYMENGDLNQFLSAHQLEDKAAEGAPGDPTISYPMLLHVAAQIASGMRYLA
TLNFVHRDLATRNCLVGENFTIKIADFGMSRNLYAGDYYRVQGRAVLPIRWMAWECILMGKFTTASDVWAFGVTLWEVLM
LCRAQPFGQLTDEQVIENAGEFFRDQGRQVYLSRPPACPQGLYELMLRCWSRESEQRPPFSQLHRFLAEDALNTVHHHHH
H
;
_entity_poly.pdbx_strand_id   A
#
# COMPACT_ATOMS: atom_id res chain seq x y z
N ASP A 12 -5.52 6.54 27.02
CA ASP A 12 -5.29 5.11 27.06
C ASP A 12 -6.58 4.36 27.29
N PHE A 13 -6.76 3.24 26.60
CA PHE A 13 -8.00 2.50 26.60
C PHE A 13 -7.86 1.23 27.41
N PRO A 14 -8.74 0.98 28.39
CA PRO A 14 -8.64 -0.24 29.18
C PRO A 14 -8.85 -1.49 28.32
N ARG A 15 -7.94 -2.44 28.44
CA ARG A 15 -8.06 -3.67 27.67
C ARG A 15 -9.32 -4.45 28.03
N SER A 16 -9.86 -4.25 29.24
CA SER A 16 -11.03 -5.01 29.68
C SER A 16 -12.28 -4.66 28.88
N ARG A 17 -12.28 -3.53 28.19
CA ARG A 17 -13.41 -3.13 27.36
C ARG A 17 -13.41 -3.80 25.98
N LEU A 18 -12.44 -4.66 25.68
CA LEU A 18 -12.34 -5.28 24.37
C LEU A 18 -12.83 -6.72 24.44
N ARG A 19 -13.55 -7.14 23.39
CA ARG A 19 -13.97 -8.53 23.18
C ARG A 19 -13.40 -9.02 21.86
N PHE A 20 -12.43 -9.94 21.93
CA PHE A 20 -11.75 -10.45 20.73
C PHE A 20 -12.65 -11.44 19.99
N LYS A 21 -12.73 -11.30 18.67
CA LYS A 21 -13.72 -12.01 17.86
C LYS A 21 -13.14 -12.92 16.78
N GLU A 22 -12.21 -12.43 15.96
CA GLU A 22 -11.56 -13.28 14.97
C GLU A 22 -10.22 -12.66 14.57
N LYS A 23 -9.34 -13.50 14.05
CA LYS A 23 -8.03 -13.05 13.61
C LYS A 23 -8.15 -12.47 12.20
N LEU A 24 -7.57 -11.29 11.98
CA LEU A 24 -7.65 -10.65 10.68
C LEU A 24 -6.38 -10.79 9.85
N GLY A 25 -5.26 -11.11 10.48
CA GLY A 25 -4.03 -11.31 9.75
C GLY A 25 -2.84 -10.96 10.63
N GLU A 26 -1.67 -11.11 10.05
CA GLU A 26 -0.44 -10.76 10.73
C GLU A 26 -0.01 -9.36 10.30
N GLY A 27 0.61 -8.67 11.25
CA GLY A 27 1.34 -7.45 10.98
C GLY A 27 2.83 -7.64 11.12
N GLN A 28 3.55 -6.53 11.04
CA GLN A 28 5.01 -6.57 11.09
C GLN A 28 5.50 -7.23 12.38
N PHE A 29 5.06 -6.73 13.53
CA PHE A 29 5.56 -7.20 14.82
C PHE A 29 4.43 -7.65 15.72
N GLY A 30 3.34 -8.14 15.14
CA GLY A 30 2.19 -8.52 15.94
C GLY A 30 1.15 -9.20 15.08
N GLU A 31 -0.02 -9.40 15.66
CA GLU A 31 -1.16 -10.01 14.97
C GLU A 31 -2.39 -9.17 15.24
N VAL A 32 -3.29 -9.11 14.27
CA VAL A 32 -4.42 -8.17 14.26
C VAL A 32 -5.71 -8.93 14.45
N HIS A 33 -6.48 -8.56 15.46
CA HIS A 33 -7.75 -9.20 15.77
C HIS A 33 -8.90 -8.22 15.62
N LEU A 34 -10.02 -8.70 15.11
CA LEU A 34 -11.28 -7.97 15.17
C LEU A 34 -11.83 -8.02 16.58
N CYS A 35 -12.19 -6.87 17.14
CA CYS A 35 -12.69 -6.77 18.50
C CYS A 35 -13.98 -5.95 18.55
N GLU A 36 -14.85 -6.27 19.50
CA GLU A 36 -16.05 -5.49 19.78
C GLU A 36 -15.84 -4.61 21.00
N VAL A 37 -16.39 -3.40 20.96
CA VAL A 37 -16.36 -2.48 22.09
C VAL A 37 -17.79 -2.13 22.50
N ASP A 38 -18.09 -2.26 23.79
CA ASP A 38 -19.42 -1.91 24.30
C ASP A 38 -19.53 -0.42 24.63
N SER A 39 -18.50 0.17 25.25
CA SER A 39 -18.57 1.51 25.80
C SER A 39 -18.61 2.57 24.71
N PRO A 40 -19.01 3.82 25.06
CA PRO A 40 -18.93 4.94 24.12
C PRO A 40 -17.49 5.24 23.67
N PRO A 57 -22.76 -1.91 19.12
CA PRO A 57 -21.73 -2.94 18.87
C PRO A 57 -20.64 -2.46 17.91
N LEU A 58 -19.72 -1.64 18.40
CA LEU A 58 -18.69 -1.06 17.55
C LEU A 58 -17.54 -2.04 17.35
N LEU A 59 -17.06 -2.14 16.12
CA LEU A 59 -15.98 -3.05 15.76
C LEU A 59 -14.70 -2.26 15.49
N VAL A 60 -13.58 -2.73 16.06
CA VAL A 60 -12.26 -2.14 15.84
C VAL A 60 -11.28 -3.26 15.49
N ALA A 61 -10.16 -2.87 14.92
CA ALA A 61 -9.04 -3.78 14.69
C ALA A 61 -7.96 -3.52 15.73
N VAL A 62 -7.46 -4.58 16.35
CA VAL A 62 -6.56 -4.46 17.49
C VAL A 62 -5.32 -5.31 17.21
N LYS A 63 -4.15 -4.68 17.23
CA LYS A 63 -2.91 -5.38 17.06
C LYS A 63 -2.30 -5.61 18.43
N ILE A 64 -1.85 -6.85 18.68
CA ILE A 64 -1.20 -7.23 19.92
C ILE A 64 0.09 -7.95 19.56
N LEU A 65 0.94 -8.16 20.56
CA LEU A 65 2.17 -8.92 20.36
C LEU A 65 1.84 -10.37 20.00
N ARG A 66 2.70 -10.97 19.18
CA ARG A 66 2.59 -12.38 18.82
C ARG A 66 2.89 -13.26 20.04
N PRO A 67 2.36 -14.49 20.06
CA PRO A 67 2.62 -15.37 21.22
C PRO A 67 4.09 -15.66 21.48
N ASP A 68 4.96 -15.62 20.45
CA ASP A 68 6.39 -15.86 20.60
C ASP A 68 7.20 -14.59 20.83
N ALA A 69 6.55 -13.49 21.21
CA ALA A 69 7.21 -12.20 21.24
C ALA A 69 8.39 -12.17 22.20
N THR A 70 9.49 -11.59 21.74
CA THR A 70 10.71 -11.40 22.51
C THR A 70 10.88 -9.93 22.89
N LYS A 71 11.95 -9.65 23.63
CA LYS A 71 12.30 -8.27 23.94
C LYS A 71 12.44 -7.42 22.67
N ASN A 72 12.98 -8.00 21.60
CA ASN A 72 13.20 -7.23 20.37
C ASN A 72 11.88 -6.91 19.69
N ALA A 73 10.93 -7.85 19.68
CA ALA A 73 9.62 -7.60 19.09
C ALA A 73 8.88 -6.52 19.85
N ARG A 74 8.99 -6.52 21.20
CA ARG A 74 8.32 -5.50 21.99
C ARG A 74 8.85 -4.10 21.66
N ASN A 75 10.16 -3.97 21.53
CA ASN A 75 10.78 -2.69 21.16
C ASN A 75 10.25 -2.20 19.81
N ASP A 76 10.21 -3.10 18.82
CA ASP A 76 9.70 -2.72 17.50
C ASP A 76 8.23 -2.29 17.58
N PHE A 77 7.44 -2.99 18.40
CA PHE A 77 6.02 -2.65 18.59
C PHE A 77 5.87 -1.24 19.17
N LEU A 78 6.62 -0.94 20.24
CA LEU A 78 6.59 0.40 20.83
C LEU A 78 6.97 1.48 19.81
N LYS A 79 7.99 1.21 18.98
CA LYS A 79 8.36 2.20 17.98
C LYS A 79 7.28 2.35 16.92
N GLU A 80 6.59 1.26 16.57
CA GLU A 80 5.52 1.38 15.58
C GLU A 80 4.40 2.30 16.09
N VAL A 81 4.07 2.20 17.38
CA VAL A 81 3.09 3.11 17.98
C VAL A 81 3.51 4.56 17.78
N LYS A 82 4.80 4.85 18.00
CA LYS A 82 5.29 6.22 17.85
C LYS A 82 5.18 6.69 16.41
N ILE A 83 5.59 5.85 15.46
CA ILE A 83 5.43 6.20 14.05
C ILE A 83 3.97 6.54 13.74
N MET A 84 3.05 5.64 14.13
CA MET A 84 1.65 5.84 13.76
C MET A 84 1.02 7.06 14.42
N SER A 85 1.53 7.49 15.57
CA SER A 85 0.96 8.68 16.17
C SER A 85 1.24 9.95 15.36
N ARG A 86 2.19 9.90 14.40
CA ARG A 86 2.44 11.05 13.54
C ARG A 86 1.35 11.27 12.49
N LEU A 87 0.54 10.24 12.21
CA LEU A 87 -0.23 10.14 10.96
C LEU A 87 -1.69 10.51 11.17
N LYS A 88 -2.14 11.60 10.53
CA LYS A 88 -3.48 12.15 10.75
C LYS A 88 -4.05 12.67 9.42
N ASP A 89 -4.62 11.75 8.62
CA ASP A 89 -5.11 12.08 7.27
C ASP A 89 -6.22 11.08 6.92
N PRO A 90 -7.28 11.52 6.25
CA PRO A 90 -8.37 10.59 5.88
C PRO A 90 -7.94 9.39 5.06
N ASN A 91 -6.80 9.43 4.36
CA ASN A 91 -6.40 8.31 3.53
C ASN A 91 -5.15 7.61 4.05
N ILE A 92 -4.83 7.81 5.34
CA ILE A 92 -3.80 7.06 6.05
C ILE A 92 -4.45 6.40 7.25
N ILE A 93 -4.01 5.18 7.58
CA ILE A 93 -4.53 4.50 8.76
C ILE A 93 -4.32 5.37 10.00
N ARG A 94 -5.22 5.26 10.97
CA ARG A 94 -5.08 6.09 12.17
C ARG A 94 -5.12 5.24 13.43
N LEU A 95 -4.38 5.71 14.43
CA LEU A 95 -4.32 5.07 15.72
C LEU A 95 -5.43 5.65 16.58
N LEU A 96 -6.43 4.83 16.90
CA LEU A 96 -7.54 5.28 17.73
C LEU A 96 -7.14 5.33 19.20
N GLY A 97 -6.27 4.43 19.63
CA GLY A 97 -5.83 4.42 21.02
C GLY A 97 -4.78 3.34 21.23
N VAL A 98 -4.22 3.35 22.43
CA VAL A 98 -3.33 2.29 22.90
C VAL A 98 -3.89 1.80 24.22
N CYS A 99 -3.39 0.65 24.68
CA CYS A 99 -3.85 0.12 25.94
C CYS A 99 -3.12 0.79 27.10
N VAL A 100 -3.72 0.67 28.29
CA VAL A 100 -3.16 1.33 29.47
C VAL A 100 -1.83 0.68 29.85
N GLN A 101 -1.03 1.43 30.59
CA GLN A 101 0.36 1.04 30.84
C GLN A 101 0.47 -0.31 31.54
N ASP A 102 -0.45 -0.58 32.49
CA ASP A 102 -0.40 -1.85 33.21
C ASP A 102 -0.81 -3.03 32.33
N ASP A 103 -1.54 -2.79 31.24
CA ASP A 103 -2.05 -3.86 30.39
C ASP A 103 -0.99 -4.38 29.43
N PRO A 104 -1.19 -5.58 28.88
CA PRO A 104 -0.38 -5.99 27.74
C PRO A 104 -0.55 -5.01 26.59
N LEU A 105 0.49 -4.90 25.78
CA LEU A 105 0.53 -3.88 24.74
C LEU A 105 -0.52 -4.14 23.66
N CYS A 106 -1.25 -3.09 23.28
CA CYS A 106 -2.16 -3.17 22.15
C CYS A 106 -2.16 -1.83 21.40
N MET A 107 -2.45 -1.90 20.09
CA MET A 107 -2.81 -0.75 19.25
C MET A 107 -4.20 -0.96 18.68
N ILE A 108 -5.01 0.10 18.71
CA ILE A 108 -6.41 0.04 18.27
C ILE A 108 -6.56 0.92 17.05
N THR A 109 -7.16 0.39 15.98
CA THR A 109 -7.36 1.16 14.77
C THR A 109 -8.72 0.83 14.16
N ASP A 110 -9.08 1.56 13.11
CA ASP A 110 -10.37 1.32 12.47
C ASP A 110 -10.39 -0.05 11.80
N TYR A 111 -11.51 -0.76 11.96
CA TYR A 111 -11.74 -1.97 11.18
C TYR A 111 -12.15 -1.59 9.77
N MET A 112 -11.36 -2.00 8.78
CA MET A 112 -11.63 -1.66 7.39
C MET A 112 -12.41 -2.83 6.78
N GLU A 113 -13.70 -2.60 6.55
CA GLU A 113 -14.65 -3.70 6.35
C GLU A 113 -14.32 -4.56 5.15
N ASN A 114 -13.77 -3.97 4.09
CA ASN A 114 -13.45 -4.72 2.88
C ASN A 114 -11.98 -5.14 2.80
N GLY A 115 -11.20 -4.92 3.86
CA GLY A 115 -9.90 -5.54 3.99
C GLY A 115 -8.88 -5.07 2.95
N ASP A 116 -8.01 -6.00 2.62
CA ASP A 116 -6.88 -5.84 1.71
C ASP A 116 -7.30 -5.35 0.31
N LEU A 117 -6.64 -4.30 -0.21
CA LEU A 117 -7.02 -3.78 -1.53
C LEU A 117 -6.66 -4.75 -2.66
N ASN A 118 -5.54 -5.45 -2.53
CA ASN A 118 -5.14 -6.41 -3.56
C ASN A 118 -6.17 -7.52 -3.68
N GLN A 119 -6.59 -8.08 -2.54
CA GLN A 119 -7.61 -9.13 -2.53
C GLN A 119 -8.97 -8.58 -2.97
N PHE A 120 -9.29 -7.34 -2.60
CA PHE A 120 -10.54 -6.70 -3.02
C PHE A 120 -10.60 -6.53 -4.53
N LEU A 121 -9.59 -5.92 -5.14
CA LEU A 121 -9.62 -5.71 -6.58
C LEU A 121 -9.56 -7.03 -7.34
N SER A 122 -8.86 -8.03 -6.78
CA SER A 122 -8.79 -9.34 -7.42
C SER A 122 -10.17 -9.96 -7.58
N ALA A 123 -11.12 -9.58 -6.72
CA ALA A 123 -12.48 -10.12 -6.71
C ALA A 123 -13.44 -9.34 -7.61
N HIS A 124 -12.96 -8.33 -8.34
CA HIS A 124 -13.79 -7.54 -9.24
C HIS A 124 -13.28 -7.68 -10.66
N GLN A 125 -14.17 -7.40 -11.63
CA GLN A 125 -13.74 -7.17 -13.01
C GLN A 125 -14.31 -5.86 -13.52
N LEU A 126 -13.67 -5.34 -14.56
CA LEU A 126 -14.05 -4.05 -15.14
C LEU A 126 -15.42 -4.19 -15.80
N GLU A 127 -16.27 -3.19 -15.61
CA GLU A 127 -17.62 -3.29 -16.14
C GLU A 127 -17.60 -3.09 -17.65
N ASP A 128 -18.46 -3.85 -18.34
CA ASP A 128 -18.57 -3.77 -19.79
C ASP A 128 -19.29 -2.49 -20.21
N LYS A 129 -20.57 -2.35 -19.84
CA LYS A 129 -21.33 -1.14 -20.08
C LYS A 129 -21.47 -0.35 -18.78
N ALA A 130 -21.42 0.97 -18.89
CA ALA A 130 -21.41 1.85 -17.72
C ALA A 130 -22.79 1.91 -17.07
N ALA A 131 -22.83 1.67 -15.75
CA ALA A 131 -24.04 1.81 -14.94
C ALA A 131 -25.16 0.89 -15.43
N GLU A 132 -24.80 -0.38 -15.68
CA GLU A 132 -25.74 -1.38 -16.17
C GLU A 132 -26.14 -2.41 -15.12
N GLY A 133 -25.36 -2.57 -14.05
CA GLY A 133 -25.59 -3.62 -13.09
C GLY A 133 -26.39 -3.16 -11.87
N ALA A 134 -26.74 -4.14 -11.04
CA ALA A 134 -27.43 -3.95 -9.77
C ALA A 134 -26.42 -3.66 -8.67
N PRO A 135 -26.86 -3.01 -7.59
CA PRO A 135 -25.93 -2.76 -6.47
C PRO A 135 -25.41 -4.08 -5.89
N GLY A 136 -24.09 -4.16 -5.74
CA GLY A 136 -23.43 -5.34 -5.23
C GLY A 136 -22.82 -6.23 -6.29
N ASP A 137 -23.01 -5.92 -7.57
CA ASP A 137 -22.44 -6.73 -8.64
C ASP A 137 -20.92 -6.73 -8.52
N PRO A 138 -20.25 -7.86 -8.79
CA PRO A 138 -18.79 -7.91 -8.65
C PRO A 138 -18.05 -7.17 -9.76
N THR A 139 -18.49 -5.97 -10.11
CA THR A 139 -17.89 -5.19 -11.18
C THR A 139 -17.46 -3.83 -10.63
N ILE A 140 -16.56 -3.17 -11.37
CA ILE A 140 -16.03 -1.88 -10.97
C ILE A 140 -15.82 -1.04 -12.23
N SER A 141 -16.16 0.25 -12.14
CA SER A 141 -16.06 1.15 -13.27
C SER A 141 -14.67 1.79 -13.37
N TYR A 142 -14.32 2.20 -14.59
CA TYR A 142 -13.09 2.95 -14.77
C TYR A 142 -13.01 4.22 -13.92
N PRO A 143 -14.06 5.04 -13.77
CA PRO A 143 -13.96 6.16 -12.82
C PRO A 143 -13.75 5.71 -11.38
N MET A 144 -14.22 4.53 -10.98
CA MET A 144 -13.96 4.08 -9.61
C MET A 144 -12.50 3.69 -9.44
N LEU A 145 -11.90 3.08 -10.47
CA LEU A 145 -10.45 2.83 -10.41
C LEU A 145 -9.67 4.14 -10.22
N LEU A 146 -10.09 5.20 -10.90
CA LEU A 146 -9.45 6.50 -10.71
C LEU A 146 -9.68 7.04 -9.30
N HIS A 147 -10.89 6.87 -8.77
CA HIS A 147 -11.19 7.30 -7.41
C HIS A 147 -10.30 6.59 -6.40
N VAL A 148 -10.09 5.28 -6.59
CA VAL A 148 -9.22 4.50 -5.71
C VAL A 148 -7.79 5.03 -5.77
N ALA A 149 -7.27 5.25 -6.99
CA ALA A 149 -5.90 5.71 -7.15
C ALA A 149 -5.73 7.14 -6.67
N ALA A 150 -6.76 7.98 -6.86
CA ALA A 150 -6.69 9.37 -6.37
C ALA A 150 -6.56 9.41 -4.85
N GLN A 151 -7.26 8.51 -4.13
CA GLN A 151 -7.18 8.51 -2.67
C GLN A 151 -5.79 8.12 -2.20
N ILE A 152 -5.18 7.14 -2.86
CA ILE A 152 -3.80 6.77 -2.55
C ILE A 152 -2.86 7.96 -2.77
N ALA A 153 -3.04 8.67 -3.90
CA ALA A 153 -2.18 9.82 -4.19
C ALA A 153 -2.35 10.92 -3.14
N SER A 154 -3.58 11.08 -2.63
CA SER A 154 -3.82 12.09 -1.60
C SER A 154 -3.17 11.71 -0.28
N GLY A 155 -3.19 10.42 0.09
CA GLY A 155 -2.48 10.02 1.29
C GLY A 155 -0.98 10.19 1.16
N MET A 156 -0.44 9.89 -0.02
CA MET A 156 0.99 10.05 -0.24
C MET A 156 1.39 11.53 -0.27
N ARG A 157 0.52 12.38 -0.83
CA ARG A 157 0.75 13.82 -0.74
C ARG A 157 0.87 14.26 0.72
N TYR A 158 0.01 13.73 1.58
CA TYR A 158 0.07 14.05 3.00
C TYR A 158 1.40 13.60 3.60
N LEU A 159 1.80 12.34 3.39
CA LEU A 159 3.07 11.87 3.96
C LEU A 159 4.23 12.72 3.49
N ALA A 160 4.22 13.11 2.21
CA ALA A 160 5.28 13.95 1.69
C ALA A 160 5.37 15.27 2.45
N THR A 161 4.24 15.82 2.92
CA THR A 161 4.32 17.07 3.67
C THR A 161 4.99 16.88 5.02
N LEU A 162 5.01 15.67 5.55
CA LEU A 162 5.74 15.36 6.78
C LEU A 162 7.16 14.92 6.51
N ASN A 163 7.59 14.91 5.24
CA ASN A 163 8.83 14.27 4.83
C ASN A 163 8.94 12.87 5.40
N PHE A 164 7.82 12.13 5.36
CA PHE A 164 7.77 10.73 5.75
C PHE A 164 7.87 9.87 4.50
N VAL A 165 8.82 8.93 4.50
CA VAL A 165 9.00 8.02 3.37
C VAL A 165 8.43 6.67 3.75
N HIS A 166 7.47 6.16 2.95
CA HIS A 166 6.78 4.92 3.30
C HIS A 166 7.70 3.70 3.14
N ARG A 167 8.38 3.61 1.99
CA ARG A 167 9.34 2.59 1.62
C ARG A 167 8.70 1.30 1.07
N ASP A 168 7.40 1.10 1.17
CA ASP A 168 6.82 -0.18 0.70
C ASP A 168 5.40 0.03 0.18
N LEU A 169 5.17 1.07 -0.61
CA LEU A 169 3.85 1.29 -1.18
C LEU A 169 3.50 0.24 -2.23
N ALA A 170 2.28 -0.31 -2.13
CA ALA A 170 1.75 -1.36 -3.00
C ALA A 170 0.32 -1.66 -2.57
N THR A 171 -0.48 -2.30 -3.47
CA THR A 171 -1.87 -2.54 -3.10
C THR A 171 -2.00 -3.49 -1.91
N ARG A 172 -1.02 -4.37 -1.72
CA ARG A 172 -1.05 -5.28 -0.56
C ARG A 172 -0.94 -4.52 0.76
N ASN A 173 -0.50 -3.26 0.75
CA ASN A 173 -0.42 -2.47 1.99
C ASN A 173 -1.52 -1.42 2.10
N CYS A 174 -2.54 -1.45 1.25
CA CYS A 174 -3.68 -0.56 1.37
C CYS A 174 -4.93 -1.32 1.81
N LEU A 175 -5.82 -0.59 2.49
CA LEU A 175 -7.03 -1.17 3.06
C LEU A 175 -8.28 -0.48 2.52
N VAL A 176 -9.39 -1.22 2.48
CA VAL A 176 -10.64 -0.76 1.87
C VAL A 176 -11.75 -0.79 2.92
N GLY A 177 -12.48 0.33 3.04
CA GLY A 177 -13.58 0.41 3.97
C GLY A 177 -14.91 0.44 3.24
N GLU A 178 -15.89 1.14 3.79
CA GLU A 178 -17.19 1.29 3.13
C GLU A 178 -17.10 2.29 1.99
N ASN A 179 -17.87 2.02 0.93
CA ASN A 179 -17.98 2.93 -0.21
C ASN A 179 -16.62 3.24 -0.82
N PHE A 180 -15.77 2.21 -0.93
CA PHE A 180 -14.50 2.32 -1.65
C PHE A 180 -13.58 3.39 -1.06
N THR A 181 -13.66 3.63 0.24
CA THR A 181 -12.66 4.48 0.90
C THR A 181 -11.38 3.69 1.10
N ILE A 182 -10.24 4.35 0.91
CA ILE A 182 -8.94 3.69 0.87
C ILE A 182 -8.04 4.31 1.92
N LYS A 183 -7.35 3.47 2.71
CA LYS A 183 -6.33 3.96 3.63
C LYS A 183 -5.02 3.24 3.38
N ILE A 184 -3.93 4.01 3.34
CA ILE A 184 -2.59 3.43 3.22
C ILE A 184 -2.15 2.91 4.58
N ALA A 185 -1.56 1.71 4.59
CA ALA A 185 -1.11 1.06 5.83
C ALA A 185 0.25 0.46 5.57
N ASP A 186 0.76 -0.34 6.52
CA ASP A 186 2.06 -1.00 6.31
C ASP A 186 2.06 -2.27 7.15
N PHE A 187 1.96 -3.43 6.50
CA PHE A 187 1.91 -4.70 7.21
C PHE A 187 3.25 -5.43 7.23
N GLY A 188 4.31 -4.80 6.73
CA GLY A 188 5.62 -5.42 6.78
C GLY A 188 5.86 -6.38 5.63
N MET A 189 7.02 -7.05 5.69
CA MET A 189 7.49 -7.84 4.57
C MET A 189 7.56 -9.34 4.84
N SER A 190 7.00 -9.84 5.95
CA SER A 190 7.15 -11.25 6.32
C SER A 190 5.89 -12.10 6.14
N ARG A 191 4.84 -11.61 5.47
CA ARG A 191 3.63 -12.40 5.32
C ARG A 191 3.78 -13.44 4.23
N ASN A 192 3.33 -14.67 4.52
CA ASN A 192 3.50 -15.74 3.53
C ASN A 192 2.74 -15.44 2.25
N LEU A 193 1.56 -14.81 2.34
CA LEU A 193 0.72 -14.61 1.16
C LEU A 193 1.41 -13.76 0.10
N TYR A 194 2.30 -12.85 0.49
CA TYR A 194 2.97 -11.98 -0.47
C TYR A 194 4.48 -12.25 -0.54
N ALA A 195 4.92 -13.44 -0.13
CA ALA A 195 6.36 -13.72 -0.08
C ALA A 195 7.04 -13.52 -1.42
N GLY A 196 6.33 -13.80 -2.53
CA GLY A 196 6.92 -13.67 -3.84
C GLY A 196 7.14 -12.25 -4.29
N ASP A 197 6.60 -11.27 -3.56
CA ASP A 197 6.79 -9.85 -3.83
C ASP A 197 8.08 -9.30 -3.23
N TYR A 198 8.85 -10.11 -2.51
CA TYR A 198 10.05 -9.63 -1.85
C TYR A 198 11.24 -10.51 -2.20
N TYR A 199 12.40 -9.87 -2.32
CA TYR A 199 13.67 -10.53 -2.64
C TYR A 199 14.49 -10.64 -1.35
N ARG A 200 14.89 -11.87 -1.00
CA ARG A 200 15.52 -12.15 0.27
CA ARG A 200 15.53 -12.16 0.28
C ARG A 200 16.92 -12.71 0.06
N VAL A 201 17.91 -12.09 0.70
CA VAL A 201 19.28 -12.59 0.72
C VAL A 201 19.72 -12.59 2.18
N GLN A 202 20.32 -13.69 2.62
CA GLN A 202 20.73 -13.82 4.02
C GLN A 202 21.60 -12.64 4.45
N GLY A 203 21.30 -12.08 5.62
CA GLY A 203 22.04 -10.97 6.18
C GLY A 203 21.72 -9.59 5.62
N ARG A 204 20.76 -9.48 4.69
CA ARG A 204 20.45 -8.19 4.09
C ARG A 204 19.00 -7.80 4.34
N ALA A 205 18.71 -6.51 4.17
CA ALA A 205 17.32 -6.06 4.19
C ALA A 205 16.55 -6.75 3.09
N VAL A 206 15.32 -7.18 3.42
CA VAL A 206 14.38 -7.70 2.44
C VAL A 206 13.89 -6.56 1.55
N LEU A 207 13.74 -6.83 0.24
CA LEU A 207 13.52 -5.77 -0.75
C LEU A 207 12.33 -6.05 -1.67
N PRO A 208 11.33 -5.14 -1.75
CA PRO A 208 10.24 -5.27 -2.74
C PRO A 208 10.65 -4.79 -4.12
N ILE A 209 11.53 -5.55 -4.77
CA ILE A 209 12.28 -5.05 -5.93
C ILE A 209 11.37 -4.68 -7.10
N ARG A 210 10.24 -5.37 -7.29
CA ARG A 210 9.42 -5.04 -8.46
C ARG A 210 8.66 -3.72 -8.31
N TRP A 211 8.67 -3.14 -7.11
CA TRP A 211 8.12 -1.81 -6.85
C TRP A 211 9.19 -0.73 -6.69
N MET A 212 10.48 -1.07 -6.80
CA MET A 212 11.57 -0.18 -6.41
C MET A 212 12.22 0.58 -7.58
N ALA A 213 12.42 1.89 -7.39
CA ALA A 213 13.17 2.70 -8.33
C ALA A 213 14.59 2.17 -8.53
N TRP A 214 15.18 2.46 -9.68
CA TRP A 214 16.48 1.88 -10.01
C TRP A 214 17.53 2.27 -8.98
N GLU A 215 17.53 3.52 -8.52
CA GLU A 215 18.53 3.95 -7.53
C GLU A 215 18.35 3.26 -6.18
N CYS A 216 17.15 2.76 -5.86
CA CYS A 216 16.98 2.02 -4.61
C CYS A 216 17.51 0.62 -4.72
N ILE A 217 17.31 -0.01 -5.88
CA ILE A 217 17.87 -1.33 -6.09
C ILE A 217 19.39 -1.28 -6.02
N LEU A 218 20.01 -0.25 -6.61
CA LEU A 218 21.46 -0.23 -6.70
C LEU A 218 22.11 0.23 -5.40
N MET A 219 21.47 1.15 -4.68
CA MET A 219 22.12 1.76 -3.52
C MET A 219 21.35 1.63 -2.22
N GLY A 220 20.15 1.04 -2.24
CA GLY A 220 19.50 0.63 -1.01
C GLY A 220 18.94 1.72 -0.13
N LYS A 221 18.84 2.96 -0.63
CA LYS A 221 18.25 4.07 0.12
C LYS A 221 16.96 4.55 -0.56
N PHE A 222 16.04 5.10 0.24
CA PHE A 222 14.68 5.41 -0.17
C PHE A 222 14.36 6.88 0.08
N THR A 223 13.61 7.50 -0.83
CA THR A 223 13.24 8.92 -0.80
C THR A 223 11.77 9.09 -1.18
N THR A 224 11.27 10.33 -1.07
CA THR A 224 9.93 10.64 -1.60
C THR A 224 9.85 10.36 -3.09
N ALA A 225 10.93 10.64 -3.82
CA ALA A 225 10.92 10.35 -5.25
C ALA A 225 10.86 8.86 -5.55
N SER A 226 11.43 8.02 -4.69
CA SER A 226 11.24 6.58 -4.94
C SER A 226 9.85 6.12 -4.52
N ASP A 227 9.22 6.78 -3.53
CA ASP A 227 7.81 6.55 -3.25
C ASP A 227 6.94 6.88 -4.46
N VAL A 228 7.29 7.93 -5.23
CA VAL A 228 6.54 8.25 -6.46
C VAL A 228 6.65 7.10 -7.47
N TRP A 229 7.86 6.57 -7.66
CA TRP A 229 8.05 5.41 -8.53
C TRP A 229 7.17 4.25 -8.10
N ALA A 230 7.20 3.92 -6.80
CA ALA A 230 6.34 2.85 -6.29
C ALA A 230 4.86 3.18 -6.49
N PHE A 231 4.48 4.45 -6.38
CA PHE A 231 3.09 4.81 -6.65
C PHE A 231 2.71 4.49 -8.09
N GLY A 232 3.61 4.77 -9.03
CA GLY A 232 3.37 4.37 -10.41
C GLY A 232 3.12 2.88 -10.58
N VAL A 233 3.90 2.05 -9.89
CA VAL A 233 3.67 0.60 -9.92
C VAL A 233 2.32 0.23 -9.28
N THR A 234 1.99 0.90 -8.16
CA THR A 234 0.72 0.69 -7.48
C THR A 234 -0.45 1.10 -8.37
N LEU A 235 -0.30 2.21 -9.09
CA LEU A 235 -1.31 2.63 -10.05
C LEU A 235 -1.48 1.61 -11.18
N TRP A 236 -0.36 1.10 -11.70
CA TRP A 236 -0.39 -0.01 -12.64
C TRP A 236 -1.17 -1.19 -12.08
N GLU A 237 -0.88 -1.58 -10.83
CA GLU A 237 -1.64 -2.67 -10.20
C GLU A 237 -3.13 -2.40 -10.23
N VAL A 238 -3.54 -1.20 -9.81
CA VAL A 238 -4.97 -0.89 -9.74
C VAL A 238 -5.63 -1.05 -11.12
N LEU A 239 -4.98 -0.53 -12.16
CA LEU A 239 -5.52 -0.61 -13.52
C LEU A 239 -5.45 -2.03 -14.10
N MET A 240 -4.59 -2.88 -13.54
CA MET A 240 -4.58 -4.31 -13.85
C MET A 240 -5.63 -5.09 -13.07
N LEU A 241 -6.35 -4.43 -12.17
CA LEU A 241 -7.21 -5.10 -11.19
C LEU A 241 -6.46 -6.23 -10.46
N CYS A 242 -5.17 -5.98 -10.18
CA CYS A 242 -4.33 -6.90 -9.43
C CYS A 242 -4.30 -8.30 -10.04
N ARG A 243 -4.43 -8.41 -11.36
CA ARG A 243 -4.45 -9.72 -11.99
C ARG A 243 -3.06 -10.27 -12.32
N ALA A 244 -1.99 -9.47 -12.23
CA ALA A 244 -0.68 -10.03 -12.49
C ALA A 244 0.37 -9.27 -11.70
N GLN A 245 1.47 -9.96 -11.40
CA GLN A 245 2.57 -9.35 -10.69
C GLN A 245 3.34 -8.41 -11.63
N PRO A 246 3.84 -7.28 -11.13
CA PRO A 246 4.67 -6.42 -11.99
C PRO A 246 5.87 -7.20 -12.49
N PHE A 247 6.14 -7.08 -13.81
CA PHE A 247 7.25 -7.78 -14.46
C PHE A 247 7.12 -9.29 -14.30
N GLY A 248 5.88 -9.79 -14.34
CA GLY A 248 5.61 -11.14 -13.85
C GLY A 248 6.31 -12.24 -14.62
N GLN A 249 6.61 -12.01 -15.90
CA GLN A 249 7.29 -13.02 -16.71
C GLN A 249 8.81 -12.93 -16.64
N LEU A 250 9.36 -12.01 -15.84
CA LEU A 250 10.80 -11.86 -15.64
C LEU A 250 11.20 -12.35 -14.25
N THR A 251 12.45 -12.84 -14.12
CA THR A 251 12.94 -13.35 -12.84
C THR A 251 13.36 -12.18 -11.95
N ASP A 252 13.56 -12.46 -10.65
CA ASP A 252 14.10 -11.45 -9.74
C ASP A 252 15.43 -10.90 -10.25
N GLU A 253 16.30 -11.79 -10.75
CA GLU A 253 17.61 -11.38 -11.28
C GLU A 253 17.46 -10.43 -12.47
N GLN A 254 16.50 -10.69 -13.35
CA GLN A 254 16.27 -9.78 -14.47
C GLN A 254 15.75 -8.43 -14.00
N VAL A 255 14.88 -8.42 -13.00
CA VAL A 255 14.38 -7.13 -12.49
C VAL A 255 15.53 -6.33 -11.90
N ILE A 256 16.44 -7.00 -11.20
CA ILE A 256 17.60 -6.30 -10.66
C ILE A 256 18.52 -5.81 -11.79
N GLU A 257 18.72 -6.63 -12.83
CA GLU A 257 19.58 -6.18 -13.92
C GLU A 257 18.96 -4.99 -14.65
N ASN A 258 17.63 -4.92 -14.68
CA ASN A 258 16.96 -3.80 -15.31
C ASN A 258 17.35 -2.49 -14.64
N ALA A 259 17.58 -2.51 -13.33
CA ALA A 259 18.03 -1.28 -12.66
C ALA A 259 19.41 -0.86 -13.16
N GLY A 260 20.29 -1.82 -13.43
CA GLY A 260 21.55 -1.49 -14.06
C GLY A 260 21.38 -0.84 -15.42
N GLU A 261 20.36 -1.23 -16.17
CA GLU A 261 20.15 -0.59 -17.47
C GLU A 261 19.62 0.84 -17.33
N PHE A 262 18.83 1.12 -16.29
CA PHE A 262 18.50 2.51 -16.03
C PHE A 262 19.76 3.31 -15.72
N PHE A 263 20.65 2.74 -14.91
CA PHE A 263 21.87 3.45 -14.52
C PHE A 263 22.73 3.78 -15.74
N ARG A 264 22.98 2.79 -16.59
CA ARG A 264 23.84 2.99 -17.75
C ARG A 264 23.19 3.87 -18.81
N ASP A 265 21.86 3.86 -18.90
CA ASP A 265 21.10 4.85 -19.67
C ASP A 265 21.38 4.76 -21.16
N GLN A 266 21.39 3.54 -21.70
CA GLN A 266 21.63 3.33 -23.11
C GLN A 266 20.39 2.85 -23.87
N GLY A 267 19.20 3.16 -23.36
CA GLY A 267 17.98 2.83 -24.07
C GLY A 267 17.62 1.36 -24.06
N ARG A 268 18.15 0.58 -23.12
CA ARG A 268 17.81 -0.82 -23.03
C ARG A 268 16.97 -1.16 -21.81
N GLN A 269 16.66 -0.18 -20.96
CA GLN A 269 15.79 -0.48 -19.84
C GLN A 269 14.38 -0.77 -20.36
N VAL A 270 13.61 -1.49 -19.55
CA VAL A 270 12.23 -1.84 -19.90
C VAL A 270 11.28 -1.42 -18.78
N TYR A 271 10.01 -1.25 -19.16
CA TYR A 271 8.96 -0.71 -18.32
C TYR A 271 7.76 -1.65 -18.31
N LEU A 272 6.93 -1.53 -17.26
CA LEU A 272 5.62 -2.18 -17.27
C LEU A 272 4.82 -1.71 -18.49
N SER A 273 4.04 -2.62 -19.08
CA SER A 273 3.20 -2.34 -20.25
C SER A 273 1.85 -1.71 -19.85
N ARG A 274 1.17 -1.11 -20.85
CA ARG A 274 -0.09 -0.42 -20.58
C ARG A 274 -1.20 -1.41 -20.23
N PRO A 275 -1.86 -1.30 -19.07
CA PRO A 275 -2.96 -2.21 -18.76
C PRO A 275 -4.10 -2.05 -19.73
N PRO A 276 -4.89 -3.10 -19.95
CA PRO A 276 -6.06 -2.98 -20.83
C PRO A 276 -7.01 -1.86 -20.41
N ALA A 277 -7.27 -1.69 -19.11
CA ALA A 277 -8.19 -0.67 -18.63
C ALA A 277 -7.62 0.75 -18.69
N CYS A 278 -6.36 0.92 -19.13
CA CYS A 278 -5.66 2.20 -18.99
C CYS A 278 -5.53 2.92 -20.32
N PRO A 279 -6.14 4.10 -20.48
CA PRO A 279 -5.93 4.88 -21.70
C PRO A 279 -4.51 5.44 -21.78
N GLN A 280 -4.10 5.80 -23.00
CA GLN A 280 -2.71 6.20 -23.23
C GLN A 280 -2.31 7.42 -22.39
N GLY A 281 -3.21 8.40 -22.25
CA GLY A 281 -2.86 9.60 -21.48
C GLY A 281 -2.51 9.30 -20.04
N LEU A 282 -3.24 8.39 -19.41
CA LEU A 282 -2.91 7.97 -18.04
C LEU A 282 -1.62 7.17 -18.01
N TYR A 283 -1.39 6.32 -19.02
CA TYR A 283 -0.14 5.56 -19.09
C TYR A 283 1.07 6.47 -19.20
N GLU A 284 0.94 7.59 -19.90
CA GLU A 284 2.09 8.48 -20.00
C GLU A 284 2.43 9.15 -18.67
N LEU A 285 1.43 9.38 -17.81
CA LEU A 285 1.66 9.80 -16.42
C LEU A 285 2.38 8.71 -15.63
N MET A 286 1.91 7.45 -15.74
CA MET A 286 2.64 6.35 -15.11
C MET A 286 4.10 6.33 -15.56
N LEU A 287 4.35 6.56 -16.85
CA LEU A 287 5.73 6.49 -17.35
C LEU A 287 6.60 7.59 -16.75
N ARG A 288 6.01 8.75 -16.45
CA ARG A 288 6.76 9.82 -15.81
C ARG A 288 7.17 9.44 -14.39
N CYS A 289 6.37 8.62 -13.70
CA CYS A 289 6.76 8.16 -12.37
C CYS A 289 8.02 7.32 -12.42
N TRP A 290 8.37 6.77 -13.59
CA TRP A 290 9.52 5.90 -13.75
C TRP A 290 10.66 6.59 -14.48
N SER A 291 10.71 7.93 -14.44
CA SER A 291 11.81 8.67 -15.03
C SER A 291 13.13 8.29 -14.39
N ARG A 292 14.19 8.26 -15.20
CA ARG A 292 15.52 8.01 -14.62
C ARG A 292 15.86 9.05 -13.55
N GLU A 293 15.65 10.33 -13.85
CA GLU A 293 16.00 11.38 -12.91
C GLU A 293 14.87 11.61 -11.92
N SER A 294 15.20 11.55 -10.62
CA SER A 294 14.22 11.75 -9.55
C SER A 294 13.44 13.05 -9.70
N GLU A 295 14.13 14.13 -10.07
CA GLU A 295 13.47 15.44 -10.15
C GLU A 295 12.45 15.50 -11.28
N GLN A 296 12.51 14.61 -12.26
CA GLN A 296 11.53 14.62 -13.34
C GLN A 296 10.29 13.81 -13.01
N ARG A 297 10.27 13.10 -11.88
CA ARG A 297 9.09 12.36 -11.49
C ARG A 297 8.05 13.33 -10.93
N PRO A 298 6.77 13.12 -11.20
CA PRO A 298 5.74 14.09 -10.79
C PRO A 298 5.55 14.09 -9.29
N PRO A 299 5.33 15.25 -8.66
CA PRO A 299 4.98 15.26 -7.24
C PRO A 299 3.57 14.75 -7.02
N PHE A 300 3.29 14.33 -5.78
CA PHE A 300 1.99 13.71 -5.52
C PHE A 300 0.86 14.69 -5.71
N SER A 301 1.10 15.99 -5.46
CA SER A 301 0.07 17.00 -5.70
C SER A 301 -0.39 16.99 -7.15
N GLN A 302 0.54 16.79 -8.09
CA GLN A 302 0.21 16.75 -9.51
C GLN A 302 -0.39 15.41 -9.92
N LEU A 303 0.06 14.31 -9.31
CA LEU A 303 -0.56 13.02 -9.58
C LEU A 303 -2.01 13.01 -9.10
N HIS A 304 -2.27 13.59 -7.92
CA HIS A 304 -3.64 13.62 -7.45
C HIS A 304 -4.53 14.44 -8.35
N ARG A 305 -4.04 15.58 -8.83
CA ARG A 305 -4.89 16.44 -9.66
C ARG A 305 -5.22 15.77 -10.98
N PHE A 306 -4.26 15.06 -11.58
CA PHE A 306 -4.56 14.34 -12.82
C PHE A 306 -5.62 13.28 -12.60
N LEU A 307 -5.50 12.50 -11.53
CA LEU A 307 -6.41 11.39 -11.31
C LEU A 307 -7.81 11.87 -10.94
N ALA A 308 -7.91 13.00 -10.28
CA ALA A 308 -9.20 13.54 -9.86
C ALA A 308 -9.87 14.40 -10.93
N GLU A 309 -9.12 14.95 -11.90
CA GLU A 309 -9.74 15.82 -12.89
C GLU A 309 -9.37 15.46 -14.33
N ASP A 310 -8.10 15.59 -14.71
CA ASP A 310 -7.72 15.40 -16.12
C ASP A 310 -8.07 14.01 -16.61
N ALA A 311 -7.99 13.01 -15.74
CA ALA A 311 -8.20 11.65 -16.22
C ALA A 311 -9.64 11.41 -16.65
N LEU A 312 -10.56 12.30 -16.29
CA LEU A 312 -11.94 12.21 -16.74
C LEU A 312 -12.15 12.69 -18.17
N ASN A 313 -11.12 13.24 -18.81
CA ASN A 313 -11.28 13.79 -20.16
C ASN A 313 -11.43 12.69 -21.20
N THR A 314 -12.15 13.03 -22.28
CA THR A 314 -12.30 12.13 -23.42
C THR A 314 -11.50 12.64 -24.62
#